data_5HAZ
#
_entry.id   5HAZ
#
_cell.length_a   141.260
_cell.length_b   54.770
_cell.length_c   108.200
_cell.angle_alpha   90.00
_cell.angle_beta   91.05
_cell.angle_gamma   90.00
#
_symmetry.space_group_name_H-M   'C 1 2 1'
#
loop_
_entity.id
_entity.type
_entity.pdbx_description
1 polymer 'Nucleoporin NUP170'
2 non-polymer 1,2-ETHANEDIOL
3 non-polymer '4-(2-HYDROXYETHYL)-1-PIPERAZINE ETHANESULFONIC ACID'
4 non-polymer 'SODIUM ION'
5 water water
#
_entity_poly.entity_id   1
_entity_poly.type   'polypeptide(L)'
_entity_poly.pdbx_seq_one_letter_code
;SDDVVTFKAQEQLQRASEQAHNSPVLRALLAESLRLFEQVAGSLTPANLTTAVEQYISLKYYAGAIQLCLTVAQQKDRGN
TALSWVNDGKPANDSRKKAFDERKICYNLIHQVLDKLESDFAGEPELVDGRPTLAATKRMEAYNVVNDSSDEVFHFDLYE
WYIEKGWTDRILSIDSPHVITYLQRLAETDFRHAELLCRFYTTRSRFFEAAQVQTNLAKSDLNISLKDRIILLSRAKGNA
SVNTIGISRQQQQQLNHEASELLEIAHIQDDLLERLVADPRIPEERKAEIEEFLDGPIRTLTDLFNDYADQANYYDLCLL
IFHAADFHNPRTILDTWNNLINQSHFEAEQRREYWEIVQAGGDLPAGVIAPIAEPPLPYVYVSQQIQLIAHRTSLDSLIF
PVNSLLPVVCAYAINNGQDASIGADPCWPIQLFLNLGVPHALVVQVLENVLDTQEAPFTGRRRKLVVQWIAMAVDMWVRE
VERRGAMAAAAASGASGSEAVMGSWVSELLGRADQVLTQIAGTGATLRGGAASDAEEIASLRRTVKGLKRSVDMLLGGEM
ARMSFFR
;
_entity_poly.pdbx_strand_id   A
#
loop_
_chem_comp.id
_chem_comp.type
_chem_comp.name
_chem_comp.formula
EDO non-polymer 1,2-ETHANEDIOL 'C2 H6 O2'
EPE non-polymer '4-(2-HYDROXYETHYL)-1-PIPERAZINE ETHANESULFONIC ACID' 'C8 H18 N2 O4 S'
NA non-polymer 'SODIUM ION' 'Na 1'
#
# COMPACT_ATOMS: atom_id res chain seq x y z
N SER A 1 -28.82 23.11 49.99
CA SER A 1 -29.29 23.41 48.65
C SER A 1 -29.92 24.80 48.56
N ASP A 2 -30.47 25.27 49.68
CA ASP A 2 -31.38 26.42 49.66
C ASP A 2 -30.61 27.74 49.53
N ASP A 3 -31.29 28.85 49.82
CA ASP A 3 -30.87 30.16 49.33
C ASP A 3 -29.83 30.80 50.23
N VAL A 4 -29.93 30.61 51.54
N VAL A 4 -29.93 30.61 51.54
CA VAL A 4 -29.04 31.31 52.47
CA VAL A 4 -29.04 31.33 52.46
C VAL A 4 -27.60 30.90 52.23
C VAL A 4 -27.59 30.89 52.27
N VAL A 5 -27.36 29.59 52.11
CA VAL A 5 -25.99 29.12 51.87
C VAL A 5 -25.44 29.69 50.57
N THR A 6 -26.28 29.75 49.53
CA THR A 6 -25.86 30.36 48.27
C THR A 6 -25.52 31.83 48.47
N PHE A 7 -26.40 32.59 49.12
CA PHE A 7 -26.11 34.01 49.35
C PHE A 7 -24.83 34.21 50.15
N LYS A 8 -24.62 33.38 51.19
CA LYS A 8 -23.40 33.53 51.96
C LYS A 8 -22.17 33.12 51.16
N ALA A 9 -22.33 32.20 50.20
CA ALA A 9 -21.24 31.89 49.29
C ALA A 9 -20.90 33.10 48.42
N GLN A 10 -21.93 33.73 47.83
CA GLN A 10 -21.71 34.96 47.07
C GLN A 10 -21.18 36.08 47.96
N GLU A 11 -21.62 36.14 49.22
CA GLU A 11 -21.14 37.18 50.13
CA GLU A 11 -21.14 37.18 50.13
C GLU A 11 -19.64 37.06 50.36
N GLN A 12 -19.15 35.84 50.62
CA GLN A 12 -17.72 35.64 50.79
C GLN A 12 -16.95 36.04 49.54
N LEU A 13 -17.45 35.64 48.36
CA LEU A 13 -16.76 35.96 47.12
C LEU A 13 -16.75 37.46 46.85
N GLN A 14 -17.84 38.16 47.25
CA GLN A 14 -17.85 39.61 47.15
C GLN A 14 -16.80 40.24 48.06
N ARG A 15 -16.73 39.79 49.32
CA ARG A 15 -15.73 40.31 50.24
C ARG A 15 -14.32 40.00 49.77
N ALA A 16 -14.14 38.90 49.03
CA ALA A 16 -12.83 38.56 48.50
C ALA A 16 -12.33 39.63 47.53
N SER A 17 -13.22 40.14 46.68
CA SER A 17 -12.80 41.19 45.74
C SER A 17 -12.43 42.47 46.48
N GLU A 18 -13.06 42.74 47.61
CA GLU A 18 -12.75 43.92 48.41
C GLU A 18 -11.45 43.80 49.20
N GLN A 19 -10.86 42.60 49.26
CA GLN A 19 -9.68 42.33 50.08
C GLN A 19 -8.50 41.88 49.23
N ALA A 20 -8.51 42.23 47.94
CA ALA A 20 -7.48 41.75 47.02
C ALA A 20 -6.08 42.14 47.49
N HIS A 21 -5.96 43.21 48.27
CA HIS A 21 -4.67 43.70 48.76
C HIS A 21 -4.15 42.92 49.95
N ASN A 22 -4.99 42.11 50.60
CA ASN A 22 -4.61 41.33 51.79
C ASN A 22 -4.62 39.87 51.38
N SER A 23 -3.45 39.36 50.97
N SER A 23 -3.45 39.33 51.01
CA SER A 23 -3.39 38.05 50.34
CA SER A 23 -3.42 38.04 50.33
C SER A 23 -3.83 36.93 51.27
C SER A 23 -3.77 36.87 51.25
N PRO A 24 -3.44 36.90 52.54
CA PRO A 24 -3.96 35.83 53.42
C PRO A 24 -5.48 35.87 53.55
N VAL A 25 -6.07 37.06 53.70
CA VAL A 25 -7.53 37.15 53.84
C VAL A 25 -8.21 36.83 52.52
N LEU A 26 -7.68 37.33 51.41
CA LEU A 26 -8.23 37.00 50.10
C LEU A 26 -8.29 35.49 49.89
N ARG A 27 -7.19 34.81 50.18
CA ARG A 27 -7.13 33.37 49.97
C ARG A 27 -8.14 32.64 50.86
N ALA A 28 -8.32 33.10 52.09
CA ALA A 28 -9.23 32.45 53.02
C ALA A 28 -10.69 32.68 52.63
N LEU A 29 -11.04 33.90 52.21
CA LEU A 29 -12.40 34.15 51.78
C LEU A 29 -12.75 33.33 50.55
N LEU A 30 -11.80 33.19 49.63
CA LEU A 30 -12.05 32.45 48.40
C LEU A 30 -12.31 30.98 48.68
N ALA A 31 -11.47 30.36 49.52
CA ALA A 31 -11.69 28.96 49.89
C ALA A 31 -13.06 28.78 50.54
N GLU A 32 -13.46 29.70 51.41
CA GLU A 32 -14.76 29.58 52.08
C GLU A 32 -15.92 29.72 51.08
N SER A 33 -15.83 30.67 50.15
CA SER A 33 -16.85 30.76 49.10
C SER A 33 -16.95 29.45 48.32
N LEU A 34 -15.81 28.86 47.97
CA LEU A 34 -15.82 27.60 47.24
C LEU A 34 -16.46 26.49 48.07
N ARG A 35 -16.13 26.42 49.36
CA ARG A 35 -16.70 25.38 50.21
C ARG A 35 -18.21 25.47 50.24
N LEU A 36 -18.74 26.69 50.42
CA LEU A 36 -20.19 26.86 50.49
C LEU A 36 -20.86 26.57 49.15
N PHE A 37 -20.26 27.02 48.05
CA PHE A 37 -20.82 26.73 46.73
C PHE A 37 -20.91 25.22 46.50
N GLU A 38 -19.88 24.48 46.88
CA GLU A 38 -19.91 23.03 46.68
C GLU A 38 -20.96 22.34 47.55
N GLN A 39 -21.32 22.93 48.70
CA GLN A 39 -22.38 22.35 49.52
C GLN A 39 -23.71 22.33 48.79
N VAL A 40 -23.98 23.36 47.98
CA VAL A 40 -25.26 23.52 47.29
C VAL A 40 -25.04 23.31 45.79
N ALA A 41 -24.08 22.46 45.44
CA ALA A 41 -23.68 22.32 44.04
C ALA A 41 -24.83 21.77 43.20
N GLY A 42 -25.56 20.79 43.73
CA GLY A 42 -26.63 20.16 42.97
C GLY A 42 -27.79 21.08 42.66
N SER A 43 -27.90 22.20 43.36
CA SER A 43 -29.01 23.13 43.19
C SER A 43 -28.62 24.42 42.47
N LEU A 44 -27.33 24.61 42.18
CA LEU A 44 -26.87 25.86 41.59
C LEU A 44 -27.47 26.05 40.21
N THR A 45 -28.03 27.24 39.98
CA THR A 45 -28.55 27.57 38.67
C THR A 45 -27.40 27.86 37.71
N PRO A 46 -27.63 27.70 36.41
CA PRO A 46 -26.58 28.06 35.45
C PRO A 46 -26.13 29.50 35.58
N ALA A 47 -27.05 30.42 35.90
CA ALA A 47 -26.68 31.83 36.04
C ALA A 47 -25.85 32.07 37.30
N ASN A 48 -26.17 31.40 38.40
CA ASN A 48 -25.35 31.57 39.61
C ASN A 48 -23.95 31.03 39.40
N LEU A 49 -23.83 29.81 38.87
CA LEU A 49 -22.51 29.26 38.58
C LEU A 49 -21.70 30.18 37.68
N THR A 50 -22.34 30.76 36.66
CA THR A 50 -21.65 31.63 35.72
C THR A 50 -21.07 32.86 36.41
N THR A 51 -21.88 33.53 37.23
N THR A 51 -21.88 33.53 37.23
CA THR A 51 -21.39 34.72 37.93
CA THR A 51 -21.41 34.72 37.93
C THR A 51 -20.24 34.38 38.87
C THR A 51 -20.24 34.38 38.87
N ALA A 52 -20.34 33.25 39.58
CA ALA A 52 -19.27 32.86 40.49
C ALA A 52 -17.98 32.56 39.73
N VAL A 53 -18.07 31.83 38.61
CA VAL A 53 -16.88 31.54 37.83
C VAL A 53 -16.23 32.83 37.34
N GLU A 54 -17.05 33.80 36.92
CA GLU A 54 -16.52 35.07 36.44
C GLU A 54 -15.76 35.80 37.55
N GLN A 55 -16.33 35.85 38.75
CA GLN A 55 -15.64 36.52 39.84
C GLN A 55 -14.37 35.78 40.22
N TYR A 56 -14.41 34.45 40.22
CA TYR A 56 -13.20 33.67 40.50
C TYR A 56 -12.11 33.98 39.49
N ILE A 57 -12.47 34.06 38.20
CA ILE A 57 -11.49 34.40 37.17
C ILE A 57 -10.86 35.76 37.46
N SER A 58 -11.69 36.77 37.78
CA SER A 58 -11.15 38.10 38.07
C SER A 58 -10.13 38.06 39.21
N LEU A 59 -10.30 37.17 40.18
CA LEU A 59 -9.40 37.07 41.32
C LEU A 59 -8.34 36.00 41.15
N LYS A 60 -8.14 35.51 39.92
CA LYS A 60 -7.09 34.54 39.60
C LYS A 60 -7.30 33.19 40.28
N TYR A 61 -8.54 32.85 40.64
CA TYR A 61 -8.85 31.60 41.33
C TYR A 61 -9.28 30.52 40.33
N TYR A 62 -8.37 30.24 39.39
CA TYR A 62 -8.71 29.38 38.25
C TYR A 62 -9.06 27.96 38.70
N ALA A 63 -8.17 27.34 39.48
CA ALA A 63 -8.39 25.94 39.87
C ALA A 63 -9.67 25.78 40.69
N GLY A 64 -9.94 26.72 41.59
CA GLY A 64 -11.15 26.63 42.40
C GLY A 64 -12.42 26.75 41.57
N ALA A 65 -12.41 27.62 40.57
CA ALA A 65 -13.56 27.73 39.68
C ALA A 65 -13.80 26.42 38.94
N ILE A 66 -12.73 25.79 38.46
CA ILE A 66 -12.87 24.54 37.73
C ILE A 66 -13.37 23.43 38.64
N GLN A 67 -12.84 23.37 39.87
CA GLN A 67 -13.31 22.37 40.82
CA GLN A 67 -13.31 22.37 40.81
C GLN A 67 -14.80 22.52 41.09
N LEU A 68 -15.28 23.77 41.18
CA LEU A 68 -16.70 23.98 41.41
C LEU A 68 -17.52 23.48 40.23
N CYS A 69 -17.09 23.79 39.00
CA CYS A 69 -17.82 23.32 37.83
C CYS A 69 -17.86 21.79 37.80
N LEU A 70 -16.75 21.14 38.14
CA LEU A 70 -16.72 19.68 38.09
C LEU A 70 -17.60 19.08 39.19
N THR A 71 -17.63 19.72 40.37
CA THR A 71 -18.49 19.23 41.43
C THR A 71 -19.96 19.36 41.06
N VAL A 72 -20.35 20.51 40.48
CA VAL A 72 -21.73 20.68 40.03
C VAL A 72 -22.07 19.62 38.99
N ALA A 73 -21.12 19.29 38.12
CA ALA A 73 -21.39 18.37 37.03
C ALA A 73 -21.76 16.98 37.54
N GLN A 74 -21.04 16.48 38.54
CA GLN A 74 -21.32 15.14 39.05
C GLN A 74 -22.61 15.11 39.85
N GLN A 75 -22.88 16.17 40.63
CA GLN A 75 -24.02 16.17 41.55
C GLN A 75 -25.35 16.17 40.81
N LYS A 76 -25.42 16.79 39.63
CA LYS A 76 -26.66 16.78 38.87
C LYS A 76 -26.87 15.49 38.11
N ASP A 77 -25.88 14.59 38.13
CA ASP A 77 -25.94 13.31 37.43
C ASP A 77 -25.05 12.29 38.13
N ARG A 78 -25.39 11.95 39.39
CA ARG A 78 -24.54 11.08 40.18
C ARG A 78 -24.52 9.64 39.66
N GLY A 79 -25.54 9.24 38.90
CA GLY A 79 -25.53 7.92 38.31
C GLY A 79 -24.62 7.76 37.11
N ASN A 80 -23.94 8.83 36.70
CA ASN A 80 -23.16 8.85 35.47
C ASN A 80 -24.02 8.44 34.27
N THR A 81 -25.18 9.11 34.15
CA THR A 81 -26.08 8.86 33.04
C THR A 81 -25.49 9.36 31.72
N ALA A 82 -24.86 10.54 31.74
CA ALA A 82 -24.29 11.09 30.51
C ALA A 82 -23.21 10.16 29.96
N LEU A 83 -22.43 9.53 30.83
CA LEU A 83 -21.39 8.63 30.38
C LEU A 83 -21.97 7.44 29.61
N SER A 84 -23.03 6.83 30.16
CA SER A 84 -23.65 5.69 29.49
CA SER A 84 -23.65 5.69 29.49
C SER A 84 -24.37 6.14 28.22
N TRP A 85 -25.05 7.29 28.28
CA TRP A 85 -25.73 7.85 27.11
C TRP A 85 -24.73 8.18 26.00
N VAL A 86 -23.46 8.39 26.35
CA VAL A 86 -22.40 8.66 25.38
C VAL A 86 -21.77 7.37 24.87
N ASN A 87 -21.42 6.46 25.78
CA ASN A 87 -20.88 5.15 25.37
C ASN A 87 -21.91 4.33 24.60
N ASP A 88 -23.18 4.75 24.59
CA ASP A 88 -24.17 4.23 23.66
C ASP A 88 -24.25 5.17 22.47
N GLY A 89 -25.15 6.16 22.51
CA GLY A 89 -25.23 7.16 21.47
C GLY A 89 -26.52 7.95 21.51
N ASP A 94 -34.15 11.40 23.44
CA ASP A 94 -33.85 10.84 24.75
C ASP A 94 -33.80 11.93 25.81
N SER A 95 -34.19 11.59 27.04
CA SER A 95 -34.23 12.54 28.13
C SER A 95 -32.94 12.59 28.93
N ARG A 96 -31.99 11.68 28.68
CA ARG A 96 -30.66 11.81 29.25
C ARG A 96 -29.89 12.99 28.68
N LYS A 97 -30.41 13.62 27.63
CA LYS A 97 -29.90 14.92 27.20
C LYS A 97 -30.03 15.96 28.28
N LYS A 98 -30.83 15.70 29.32
CA LYS A 98 -30.81 16.56 30.51
C LYS A 98 -29.48 16.45 31.22
N ALA A 99 -29.01 15.21 31.47
CA ALA A 99 -27.80 15.01 32.23
C ALA A 99 -26.57 15.50 31.47
N PHE A 100 -26.51 15.21 30.17
CA PHE A 100 -25.34 15.63 29.39
C PHE A 100 -25.30 17.14 29.20
N ASP A 101 -26.45 17.76 28.92
CA ASP A 101 -26.45 19.20 28.66
C ASP A 101 -26.15 20.01 29.91
N GLU A 102 -26.72 19.61 31.05
CA GLU A 102 -26.39 20.28 32.31
C GLU A 102 -24.90 20.21 32.61
N ARG A 103 -24.32 19.02 32.44
CA ARG A 103 -22.87 18.86 32.59
C ARG A 103 -22.12 19.77 31.64
N LYS A 104 -22.55 19.82 30.37
CA LYS A 104 -21.82 20.59 29.37
C LYS A 104 -21.80 22.08 29.69
N ILE A 105 -22.85 22.59 30.32
CA ILE A 105 -22.84 23.97 30.79
C ILE A 105 -21.67 24.19 31.75
N CYS A 106 -21.43 23.23 32.65
CA CYS A 106 -20.28 23.32 33.55
C CYS A 106 -18.99 23.22 32.77
N TYR A 107 -18.93 22.30 31.80
CA TYR A 107 -17.71 22.10 31.02
C TYR A 107 -17.39 23.33 30.18
N ASN A 108 -18.40 24.03 29.68
CA ASN A 108 -18.13 25.22 28.87
C ASN A 108 -17.51 26.32 29.73
N LEU A 109 -17.95 26.43 30.99
CA LEU A 109 -17.35 27.41 31.89
C LEU A 109 -15.87 27.09 32.14
N ILE A 110 -15.54 25.81 32.29
CA ILE A 110 -14.15 25.41 32.49
C ILE A 110 -13.29 25.87 31.31
N HIS A 111 -13.78 25.69 30.07
CA HIS A 111 -13.09 26.23 28.90
C HIS A 111 -12.86 27.72 29.05
N GLN A 112 -13.86 28.44 29.56
CA GLN A 112 -13.72 29.88 29.79
C GLN A 112 -12.57 30.17 30.75
N VAL A 113 -12.51 29.44 31.87
CA VAL A 113 -11.45 29.63 32.84
C VAL A 113 -10.09 29.37 32.21
N LEU A 114 -9.97 28.27 31.46
CA LEU A 114 -8.68 27.90 30.89
C LEU A 114 -8.22 28.93 29.86
N ASP A 115 -9.15 29.43 29.03
CA ASP A 115 -8.80 30.46 28.06
C ASP A 115 -8.23 31.69 28.77
N LYS A 116 -8.88 32.14 29.84
CA LYS A 116 -8.38 33.31 30.55
C LYS A 116 -7.10 32.98 31.31
N LEU A 117 -6.97 31.75 31.83
CA LEU A 117 -5.73 31.32 32.47
C LEU A 117 -4.54 31.51 31.54
N GLU A 118 -4.66 31.10 30.28
CA GLU A 118 -3.55 31.23 29.34
C GLU A 118 -3.31 32.68 28.96
N SER A 119 -4.38 33.47 28.80
N SER A 119 -4.38 33.47 28.80
CA SER A 119 -4.23 34.87 28.40
CA SER A 119 -4.24 34.86 28.40
C SER A 119 -3.54 35.68 29.49
C SER A 119 -3.55 35.68 29.48
N ASP A 120 -3.97 35.51 30.74
CA ASP A 120 -3.37 36.26 31.84
C ASP A 120 -1.92 35.88 32.07
N PHE A 121 -1.52 34.67 31.71
CA PHE A 121 -0.16 34.19 31.94
C PHE A 121 0.70 34.16 30.69
N ALA A 122 0.13 34.42 29.52
CA ALA A 122 0.91 34.44 28.29
C ALA A 122 2.06 35.44 28.42
N GLY A 123 3.24 35.02 27.99
CA GLY A 123 4.42 35.86 28.05
C GLY A 123 4.92 36.06 29.48
N GLU A 124 5.06 34.96 30.22
CA GLU A 124 5.66 35.00 31.55
C GLU A 124 6.42 33.70 31.76
N PRO A 125 7.45 33.71 32.59
CA PRO A 125 8.28 32.51 32.76
C PRO A 125 7.79 31.61 33.88
N GLU A 126 7.98 30.31 33.67
CA GLU A 126 7.61 29.31 34.67
C GLU A 126 8.52 29.44 35.89
N ARG A 131 12.80 29.44 42.01
CA ARG A 131 11.50 28.91 42.41
C ARG A 131 10.44 29.24 41.35
N PRO A 132 9.34 28.48 41.34
CA PRO A 132 8.27 28.77 40.37
C PRO A 132 7.49 30.01 40.74
N THR A 133 7.06 30.75 39.71
CA THR A 133 6.22 31.91 39.93
C THR A 133 4.85 31.47 40.44
N LEU A 134 4.12 32.42 41.04
CA LEU A 134 2.75 32.16 41.45
C LEU A 134 1.89 31.80 40.24
N ALA A 135 2.18 32.39 39.08
CA ALA A 135 1.46 32.03 37.86
C ALA A 135 1.71 30.58 37.49
N ALA A 136 2.95 30.10 37.66
CA ALA A 136 3.25 28.71 37.38
C ALA A 136 2.55 27.79 38.37
N THR A 137 2.39 28.22 39.62
CA THR A 137 1.69 27.41 40.60
C THR A 137 0.20 27.34 40.28
N LYS A 138 -0.39 28.47 39.90
CA LYS A 138 -1.81 28.48 39.56
C LYS A 138 -2.08 27.63 38.33
N ARG A 139 -1.19 27.68 37.34
CA ARG A 139 -1.32 26.83 36.17
C ARG A 139 -1.29 25.35 36.56
N MET A 140 -0.31 24.98 37.40
CA MET A 140 -0.19 23.59 37.84
C MET A 140 -1.44 23.14 38.58
N GLU A 141 -1.91 23.95 39.54
CA GLU A 141 -3.08 23.56 40.32
C GLU A 141 -4.32 23.45 39.44
N ALA A 142 -4.47 24.37 38.48
CA ALA A 142 -5.66 24.38 37.63
C ALA A 142 -5.70 23.14 36.73
N TYR A 143 -4.57 22.78 36.13
CA TYR A 143 -4.54 21.64 35.23
C TYR A 143 -4.45 20.31 35.98
N ASN A 144 -3.99 20.33 37.23
CA ASN A 144 -4.11 19.14 38.06
C ASN A 144 -5.56 18.80 38.30
N VAL A 145 -6.40 19.80 38.56
CA VAL A 145 -7.84 19.55 38.71
C VAL A 145 -8.40 18.98 37.42
N VAL A 146 -8.02 19.56 36.27
CA VAL A 146 -8.56 19.13 34.98
C VAL A 146 -8.13 17.70 34.68
N ASN A 147 -6.83 17.40 34.78
CA ASN A 147 -6.32 16.14 34.28
C ASN A 147 -6.50 14.99 35.28
N ASP A 148 -6.46 15.27 36.59
CA ASP A 148 -6.69 14.24 37.59
C ASP A 148 -8.18 13.96 37.82
N SER A 149 -9.07 14.66 37.14
CA SER A 149 -10.49 14.43 37.31
C SER A 149 -10.87 13.04 36.83
N SER A 150 -11.81 12.42 37.55
N SER A 150 -11.81 12.41 37.55
CA SER A 150 -12.35 11.12 37.19
CA SER A 150 -12.35 11.11 37.18
C SER A 150 -13.56 11.22 36.26
C SER A 150 -13.56 11.22 36.26
N ASP A 151 -13.97 12.43 35.90
CA ASP A 151 -15.12 12.66 35.01
C ASP A 151 -14.66 12.43 33.58
N GLU A 152 -14.80 11.20 33.09
CA GLU A 152 -14.28 10.92 31.76
C GLU A 152 -15.16 11.52 30.65
N VAL A 153 -16.44 11.81 30.94
CA VAL A 153 -17.25 12.57 29.99
C VAL A 153 -16.69 13.98 29.83
N PHE A 154 -16.38 14.63 30.96
CA PHE A 154 -15.73 15.93 30.92
C PHE A 154 -14.45 15.88 30.09
N HIS A 155 -13.69 14.80 30.22
CA HIS A 155 -12.45 14.68 29.47
C HIS A 155 -12.73 14.56 27.98
N PHE A 156 -13.78 13.82 27.60
CA PHE A 156 -14.16 13.73 26.19
C PHE A 156 -14.48 15.11 25.62
N ASP A 157 -15.33 15.88 26.32
CA ASP A 157 -15.66 17.23 25.89
C ASP A 157 -14.42 18.12 25.88
N LEU A 158 -13.47 17.87 26.78
CA LEU A 158 -12.24 18.65 26.83
C LEU A 158 -11.37 18.34 25.62
N TYR A 159 -11.22 17.06 25.28
CA TYR A 159 -10.41 16.69 24.12
C TYR A 159 -11.01 17.25 22.83
N GLU A 160 -12.33 17.16 22.69
CA GLU A 160 -13.01 17.77 21.55
C GLU A 160 -12.72 19.26 21.45
N TRP A 161 -12.58 19.93 22.60
CA TRP A 161 -12.29 21.35 22.60
C TRP A 161 -10.85 21.62 22.16
N TYR A 162 -9.90 20.87 22.72
CA TYR A 162 -8.51 21.00 22.28
C TYR A 162 -8.39 20.79 20.79
N ILE A 163 -9.09 19.79 20.25
CA ILE A 163 -9.00 19.49 18.82
C ILE A 163 -9.59 20.64 17.99
N GLU A 164 -10.77 21.13 18.39
CA GLU A 164 -11.38 22.26 17.70
C GLU A 164 -10.46 23.47 17.67
N LYS A 165 -9.62 23.63 18.70
CA LYS A 165 -8.64 24.71 18.73
C LYS A 165 -7.42 24.43 17.88
N GLY A 166 -7.13 23.16 17.59
CA GLY A 166 -5.90 22.78 16.95
C GLY A 166 -4.76 22.50 17.91
N TRP A 167 -5.01 22.55 19.22
CA TRP A 167 -4.01 22.25 20.24
C TRP A 167 -3.74 20.75 20.21
N THR A 168 -2.99 20.33 19.19
CA THR A 168 -2.76 18.92 18.91
C THR A 168 -1.73 18.32 19.86
N ASP A 169 -0.68 19.07 20.19
N ASP A 169 -0.68 19.07 20.19
CA ASP A 169 0.38 18.52 21.03
CA ASP A 169 0.39 18.56 21.04
C ASP A 169 -0.11 18.30 22.47
C ASP A 169 -0.10 18.30 22.46
N ARG A 170 -1.10 19.06 22.91
CA ARG A 170 -1.64 18.86 24.25
C ARG A 170 -2.38 17.54 24.36
N ILE A 171 -3.00 17.09 23.26
CA ILE A 171 -3.69 15.79 23.25
C ILE A 171 -2.68 14.66 23.42
N LEU A 172 -1.53 14.77 22.75
CA LEU A 172 -0.62 13.64 22.63
C LEU A 172 0.08 13.32 23.95
N SER A 173 0.40 14.33 24.75
CA SER A 173 1.12 14.12 25.99
C SER A 173 0.21 13.75 27.15
N ILE A 174 -1.09 13.56 26.90
CA ILE A 174 -2.01 13.14 27.96
C ILE A 174 -1.62 11.75 28.43
N ASP A 175 -1.47 11.60 29.74
CA ASP A 175 -1.07 10.33 30.35
C ASP A 175 -2.26 9.56 30.89
N SER A 176 -3.50 9.95 30.51
CA SER A 176 -4.75 9.33 30.91
C SER A 176 -5.17 8.26 29.90
N PRO A 177 -5.92 7.25 30.32
CA PRO A 177 -6.46 6.28 29.37
C PRO A 177 -7.78 6.67 28.74
N HIS A 178 -8.43 7.73 29.22
CA HIS A 178 -9.71 8.15 28.64
C HIS A 178 -9.54 8.70 27.23
N VAL A 179 -8.36 9.25 26.91
CA VAL A 179 -8.18 9.84 25.59
C VAL A 179 -8.12 8.76 24.52
N ILE A 180 -7.63 7.57 24.87
CA ILE A 180 -7.69 6.44 23.93
C ILE A 180 -9.14 6.12 23.58
N THR A 181 -9.99 6.03 24.60
CA THR A 181 -11.40 5.73 24.36
C THR A 181 -12.03 6.77 23.43
N TYR A 182 -11.69 8.04 23.61
CA TYR A 182 -12.31 9.10 22.82
C TYR A 182 -11.89 9.03 21.35
N LEU A 183 -10.58 8.85 21.11
CA LEU A 183 -10.09 8.83 19.73
C LEU A 183 -10.54 7.58 18.98
N GLN A 184 -10.64 6.44 19.67
CA GLN A 184 -11.02 5.19 19.01
C GLN A 184 -12.45 5.25 18.47
N ARG A 185 -13.34 6.01 19.10
CA ARG A 185 -14.73 6.07 18.67
C ARG A 185 -14.95 7.06 17.54
N LEU A 186 -14.24 8.18 17.55
CA LEU A 186 -14.35 9.16 16.48
C LEU A 186 -13.45 8.84 15.29
N ALA A 187 -12.55 7.85 15.42
CA ALA A 187 -11.83 7.36 14.25
C ALA A 187 -12.74 6.57 13.32
N GLU A 188 -13.76 5.92 13.87
CA GLU A 188 -14.72 5.17 13.06
C GLU A 188 -15.60 6.07 12.21
N THR A 189 -15.65 7.38 12.51
CA THR A 189 -16.56 8.29 11.84
C THR A 189 -15.88 9.40 11.06
N ASP A 190 -14.61 9.71 11.35
CA ASP A 190 -13.96 10.87 10.76
C ASP A 190 -12.49 10.59 10.51
N PHE A 191 -12.05 10.91 9.29
CA PHE A 191 -10.69 10.59 8.86
C PHE A 191 -9.65 11.33 9.70
N ARG A 192 -9.95 12.55 10.10
CA ARG A 192 -8.98 13.36 10.84
C ARG A 192 -8.65 12.73 12.19
N HIS A 193 -9.67 12.39 12.99
CA HIS A 193 -9.42 11.89 14.33
C HIS A 193 -8.70 10.55 14.31
N ALA A 194 -8.86 9.77 13.23
CA ALA A 194 -8.15 8.50 13.15
C ALA A 194 -6.64 8.70 13.03
N GLU A 195 -6.21 9.81 12.42
CA GLU A 195 -4.78 10.07 12.29
C GLU A 195 -4.15 10.37 13.64
N LEU A 196 -4.81 11.18 14.47
CA LEU A 196 -4.31 11.45 15.81
C LEU A 196 -4.07 10.16 16.58
N LEU A 197 -5.02 9.22 16.48
CA LEU A 197 -4.88 7.95 17.19
C LEU A 197 -3.61 7.23 16.78
N CYS A 198 -3.30 7.21 15.47
CA CYS A 198 -2.05 6.60 15.01
C CYS A 198 -0.84 7.39 15.47
N ARG A 199 -0.91 8.72 15.37
CA ARG A 199 0.16 9.55 15.91
C ARG A 199 0.29 9.38 17.42
N PHE A 200 -0.83 9.11 18.09
CA PHE A 200 -0.79 8.83 19.53
C PHE A 200 -0.12 7.49 19.80
N TYR A 201 -0.44 6.46 19.01
CA TYR A 201 0.08 5.12 19.25
C TYR A 201 1.58 5.04 18.95
N THR A 202 1.99 5.55 17.79
CA THR A 202 3.37 5.34 17.35
C THR A 202 4.36 6.05 18.26
N THR A 203 4.06 7.29 18.65
CA THR A 203 4.96 8.00 19.56
C THR A 203 5.15 7.23 20.86
N ARG A 204 4.12 6.48 21.29
CA ARG A 204 4.23 5.55 22.40
C ARG A 204 4.74 4.18 21.96
N SER A 205 5.35 4.10 20.77
CA SER A 205 6.02 2.89 20.30
C SER A 205 5.06 1.71 20.13
N ARG A 206 3.80 2.00 19.81
CA ARG A 206 2.77 0.97 19.64
C ARG A 206 2.36 0.94 18.17
N PHE A 207 3.19 0.28 17.35
CA PHE A 207 2.98 0.30 15.91
C PHE A 207 1.86 -0.64 15.48
N PHE A 208 1.79 -1.83 16.07
CA PHE A 208 0.79 -2.80 15.66
C PHE A 208 -0.62 -2.24 15.76
N GLU A 209 -0.94 -1.56 16.87
CA GLU A 209 -2.27 -0.97 17.01
C GLU A 209 -2.50 0.13 15.97
N ALA A 210 -1.48 0.95 15.71
CA ALA A 210 -1.59 1.96 14.66
C ALA A 210 -1.80 1.31 13.30
N ALA A 211 -1.20 0.14 13.07
CA ALA A 211 -1.43 -0.59 11.83
C ALA A 211 -2.85 -1.13 11.77
N GLN A 212 -3.43 -1.48 12.91
CA GLN A 212 -4.80 -1.96 12.93
C GLN A 212 -5.78 -0.83 12.62
N VAL A 213 -5.50 0.37 13.15
CA VAL A 213 -6.33 1.53 12.81
C VAL A 213 -6.24 1.83 11.32
N GLN A 214 -5.02 1.92 10.80
CA GLN A 214 -4.82 2.24 9.39
C GLN A 214 -5.45 1.19 8.49
N THR A 215 -5.42 -0.08 8.88
CA THR A 215 -5.96 -1.14 8.04
C THR A 215 -7.48 -1.07 8.01
N ASN A 216 -8.13 -1.09 9.19
CA ASN A 216 -9.59 -0.98 9.23
C ASN A 216 -10.07 0.33 8.60
N LEU A 217 -9.25 1.37 8.66
CA LEU A 217 -9.59 2.62 7.99
C LEU A 217 -9.52 2.48 6.47
N ALA A 218 -8.53 1.75 5.98
CA ALA A 218 -8.45 1.48 4.56
C ALA A 218 -9.63 0.63 4.08
N LYS A 219 -10.18 -0.20 4.97
CA LYS A 219 -11.34 -1.04 4.65
C LYS A 219 -12.67 -0.36 4.98
N SER A 220 -12.66 0.87 5.47
CA SER A 220 -13.88 1.48 5.97
C SER A 220 -14.73 2.03 4.83
N ASP A 221 -15.95 2.43 5.17
CA ASP A 221 -16.87 3.08 4.25
C ASP A 221 -16.81 4.60 4.34
N LEU A 222 -15.79 5.15 5.00
CA LEU A 222 -15.59 6.60 5.04
C LEU A 222 -15.27 7.10 3.64
N ASN A 223 -15.15 8.41 3.47
CA ASN A 223 -14.82 8.99 2.17
C ASN A 223 -13.30 9.14 2.10
N ILE A 224 -12.65 8.17 1.46
CA ILE A 224 -11.20 8.15 1.31
C ILE A 224 -10.88 7.75 -0.12
N SER A 225 -10.05 8.55 -0.78
CA SER A 225 -9.64 8.24 -2.14
C SER A 225 -8.81 6.96 -2.14
N LEU A 226 -8.83 6.28 -3.30
CA LEU A 226 -8.08 5.04 -3.45
C LEU A 226 -6.60 5.26 -3.17
N LYS A 227 -6.04 6.36 -3.68
CA LYS A 227 -4.62 6.63 -3.47
C LYS A 227 -4.31 6.87 -1.99
N ASP A 228 -5.22 7.50 -1.25
CA ASP A 228 -5.00 7.66 0.19
C ASP A 228 -5.16 6.33 0.90
N ARG A 229 -6.05 5.46 0.41
CA ARG A 229 -6.18 4.13 1.01
C ARG A 229 -4.92 3.30 0.78
N ILE A 230 -4.21 3.54 -0.33
CA ILE A 230 -2.95 2.86 -0.59
C ILE A 230 -1.88 3.34 0.38
N ILE A 231 -1.90 4.63 0.72
CA ILE A 231 -0.93 5.18 1.67
C ILE A 231 -1.14 4.55 3.04
N LEU A 232 -2.39 4.48 3.49
CA LEU A 232 -2.71 3.86 4.77
C LEU A 232 -2.22 2.42 4.84
N LEU A 233 -2.40 1.65 3.75
CA LEU A 233 -1.98 0.26 3.74
C LEU A 233 -0.47 0.14 3.69
N SER A 234 0.19 1.02 2.93
CA SER A 234 1.65 1.03 2.94
C SER A 234 2.18 1.31 4.34
N ARG A 235 1.53 2.21 5.08
N ARG A 235 1.54 2.24 5.05
CA ARG A 235 1.95 2.50 6.44
CA ARG A 235 1.90 2.53 6.43
C ARG A 235 1.64 1.33 7.37
C ARG A 235 1.66 1.30 7.33
N ALA A 236 0.45 0.76 7.27
CA ALA A 236 0.09 -0.36 8.14
C ALA A 236 1.03 -1.54 7.93
N LYS A 237 1.33 -1.87 6.68
CA LYS A 237 2.27 -2.95 6.39
C LYS A 237 3.60 -2.73 7.09
N GLY A 238 4.04 -1.49 7.21
CA GLY A 238 5.30 -1.18 7.86
C GLY A 238 5.20 -1.25 9.37
N ASN A 239 4.15 -0.66 9.92
CA ASN A 239 3.94 -0.73 11.36
C ASN A 239 3.66 -2.16 11.81
N ALA A 240 3.13 -2.98 10.92
CA ALA A 240 2.81 -4.37 11.23
C ALA A 240 3.90 -5.35 10.79
N SER A 241 5.03 -4.85 10.29
CA SER A 241 6.17 -5.71 9.98
C SER A 241 7.21 -5.74 11.10
N VAL A 242 7.02 -4.93 12.14
CA VAL A 242 7.89 -4.92 13.31
C VAL A 242 7.03 -4.99 14.55
N ASN A 243 7.40 -5.85 15.49
CA ASN A 243 6.55 -6.21 16.61
C ASN A 243 6.74 -5.20 17.75
N THR A 244 5.65 -4.57 18.15
CA THR A 244 5.63 -3.81 19.40
C THR A 244 5.39 -4.76 20.58
N ILE A 245 5.62 -4.25 21.79
CA ILE A 245 5.64 -5.11 22.97
C ILE A 245 4.31 -5.82 23.16
N GLY A 246 4.37 -7.09 23.52
CA GLY A 246 3.25 -7.76 24.16
C GLY A 246 2.14 -8.23 23.25
N ILE A 247 2.40 -8.40 21.96
CA ILE A 247 1.44 -8.99 21.03
C ILE A 247 2.15 -10.11 20.29
N SER A 248 1.43 -11.21 20.08
CA SER A 248 2.01 -12.39 19.47
C SER A 248 2.50 -12.09 18.06
N ARG A 249 3.77 -12.39 17.81
CA ARG A 249 4.32 -12.26 16.45
C ARG A 249 3.54 -13.09 15.45
N GLN A 250 2.87 -14.16 15.89
CA GLN A 250 1.99 -14.93 15.02
C GLN A 250 0.71 -14.18 14.69
N GLN A 251 0.43 -13.07 15.38
CA GLN A 251 -0.65 -12.16 15.04
C GLN A 251 -0.17 -10.89 14.35
N GLN A 252 1.12 -10.57 14.49
CA GLN A 252 1.72 -9.51 13.70
C GLN A 252 1.69 -9.86 12.23
N GLN A 253 2.26 -11.01 11.88
CA GLN A 253 2.28 -11.47 10.49
C GLN A 253 0.88 -11.66 9.93
N GLN A 254 -0.11 -11.87 10.79
CA GLN A 254 -1.49 -11.92 10.33
C GLN A 254 -1.94 -10.57 9.79
N LEU A 255 -1.72 -9.50 10.57
CA LEU A 255 -2.08 -8.16 10.12
C LEU A 255 -1.18 -7.72 8.97
N ASN A 256 0.10 -8.09 9.01
CA ASN A 256 1.02 -7.76 7.92
C ASN A 256 0.58 -8.42 6.62
N HIS A 257 0.08 -9.66 6.71
CA HIS A 257 -0.41 -10.35 5.51
C HIS A 257 -1.66 -9.67 4.96
N GLU A 258 -2.61 -9.35 5.84
CA GLU A 258 -3.85 -8.71 5.38
C GLU A 258 -3.54 -7.39 4.67
N ALA A 259 -2.73 -6.54 5.30
CA ALA A 259 -2.37 -5.27 4.68
C ALA A 259 -1.63 -5.48 3.38
N SER A 260 -0.84 -6.55 3.25
CA SER A 260 -0.12 -6.78 2.01
C SER A 260 -1.05 -7.21 0.88
N GLU A 261 -2.01 -8.10 1.17
N GLU A 261 -2.01 -8.10 1.17
CA GLU A 261 -2.96 -8.53 0.15
CA GLU A 261 -2.95 -8.52 0.14
C GLU A 261 -3.78 -7.35 -0.35
C GLU A 261 -3.78 -7.35 -0.35
N LEU A 262 -4.30 -6.54 0.59
CA LEU A 262 -5.09 -5.38 0.21
C LEU A 262 -4.27 -4.39 -0.61
N LEU A 263 -3.02 -4.18 -0.22
CA LEU A 263 -2.17 -3.27 -0.97
C LEU A 263 -1.98 -3.75 -2.39
N GLU A 264 -1.79 -5.06 -2.58
CA GLU A 264 -1.67 -5.63 -3.91
C GLU A 264 -2.93 -5.40 -4.72
N ILE A 265 -4.09 -5.70 -4.14
CA ILE A 265 -5.35 -5.46 -4.83
C ILE A 265 -5.51 -3.98 -5.12
N ALA A 266 -5.15 -3.12 -4.15
CA ALA A 266 -5.37 -1.69 -4.32
C ALA A 266 -4.54 -1.13 -5.47
N HIS A 267 -3.30 -1.60 -5.64
CA HIS A 267 -2.47 -1.12 -6.73
C HIS A 267 -3.01 -1.57 -8.09
N ILE A 268 -3.53 -2.80 -8.17
CA ILE A 268 -4.17 -3.26 -9.40
C ILE A 268 -5.36 -2.37 -9.73
N GLN A 269 -6.14 -2.02 -8.71
CA GLN A 269 -7.30 -1.15 -8.93
C GLN A 269 -6.85 0.24 -9.37
N ASP A 270 -5.75 0.73 -8.80
CA ASP A 270 -5.25 2.05 -9.15
C ASP A 270 -4.73 2.08 -10.57
N ASP A 271 -3.91 1.08 -10.94
CA ASP A 271 -3.43 0.99 -12.32
C ASP A 271 -4.59 0.80 -13.28
N LEU A 272 -5.60 0.03 -12.88
CA LEU A 272 -6.78 -0.18 -13.71
C LEU A 272 -7.57 1.11 -13.89
N LEU A 273 -7.76 1.87 -12.82
CA LEU A 273 -8.49 3.14 -12.93
C LEU A 273 -7.72 4.14 -13.77
N GLU A 274 -6.40 4.22 -13.59
CA GLU A 274 -5.60 5.17 -14.36
C GLU A 274 -5.65 4.85 -15.85
N ARG A 275 -5.59 3.57 -16.23
CA ARG A 275 -5.61 3.24 -17.65
C ARG A 275 -6.98 3.49 -18.25
N LEU A 276 -8.04 3.06 -17.57
CA LEU A 276 -9.39 3.25 -18.11
C LEU A 276 -9.68 4.73 -18.38
N VAL A 277 -9.32 5.62 -17.45
CA VAL A 277 -9.65 7.03 -17.62
CA VAL A 277 -9.66 7.03 -17.61
C VAL A 277 -8.88 7.64 -18.77
N ALA A 278 -7.68 7.14 -19.06
CA ALA A 278 -6.86 7.68 -20.14
C ALA A 278 -7.10 6.99 -21.48
N ASP A 279 -7.97 5.98 -21.54
CA ASP A 279 -8.08 5.15 -22.73
C ASP A 279 -8.92 5.83 -23.80
N PRO A 280 -8.37 6.14 -24.98
CA PRO A 280 -9.19 6.81 -26.01
C PRO A 280 -10.36 5.98 -26.52
N ARG A 281 -10.31 4.66 -26.40
CA ARG A 281 -11.37 3.80 -26.91
C ARG A 281 -12.47 3.57 -25.89
N ILE A 282 -12.38 4.15 -24.70
CA ILE A 282 -13.45 4.15 -23.72
C ILE A 282 -14.22 5.45 -23.86
N PRO A 283 -15.56 5.42 -23.94
CA PRO A 283 -16.32 6.67 -24.01
C PRO A 283 -16.39 7.39 -22.66
N GLU A 284 -16.58 8.71 -22.74
CA GLU A 284 -16.56 9.54 -21.53
C GLU A 284 -17.76 9.26 -20.63
N GLU A 285 -18.93 9.01 -21.23
CA GLU A 285 -20.11 8.67 -20.45
C GLU A 285 -19.89 7.45 -19.57
N ARG A 286 -18.89 6.63 -19.88
CA ARG A 286 -18.52 5.50 -19.06
C ARG A 286 -17.42 5.81 -18.06
N LYS A 287 -16.57 6.81 -18.34
CA LYS A 287 -15.42 7.08 -17.50
C LYS A 287 -15.82 7.70 -16.16
N ALA A 288 -16.85 8.55 -16.15
CA ALA A 288 -17.30 9.14 -14.90
C ALA A 288 -17.83 8.07 -13.95
N GLU A 289 -18.59 7.11 -14.48
N GLU A 289 -18.57 7.10 -14.48
CA GLU A 289 -19.08 6.00 -13.67
CA GLU A 289 -19.08 6.02 -13.64
C GLU A 289 -17.96 5.06 -13.26
C GLU A 289 -18.00 5.00 -13.30
N ILE A 290 -16.90 4.97 -14.06
CA ILE A 290 -15.76 4.14 -13.69
C ILE A 290 -15.03 4.74 -12.49
N GLU A 291 -14.71 6.03 -12.58
CA GLU A 291 -14.02 6.70 -11.48
C GLU A 291 -14.87 6.71 -10.22
N GLU A 292 -16.19 6.81 -10.37
CA GLU A 292 -17.08 6.80 -9.21
C GLU A 292 -16.99 5.48 -8.46
N PHE A 293 -16.84 4.37 -9.19
CA PHE A 293 -16.87 3.05 -8.57
C PHE A 293 -15.49 2.54 -8.17
N LEU A 294 -14.42 3.07 -8.76
CA LEU A 294 -13.06 2.59 -8.50
C LEU A 294 -12.24 3.50 -7.62
N ASP A 295 -12.52 4.80 -7.58
CA ASP A 295 -11.74 5.72 -6.76
C ASP A 295 -12.40 5.80 -5.38
N GLY A 296 -12.16 4.76 -4.59
CA GLY A 296 -12.72 4.66 -3.27
C GLY A 296 -12.39 3.32 -2.65
N PRO A 297 -13.37 2.69 -1.99
CA PRO A 297 -13.09 1.39 -1.37
C PRO A 297 -12.49 0.39 -2.34
N ILE A 298 -11.73 -0.55 -1.79
CA ILE A 298 -11.03 -1.55 -2.57
C ILE A 298 -12.03 -2.64 -2.96
N ARG A 299 -12.06 -2.96 -4.26
CA ARG A 299 -12.95 -3.95 -4.84
C ARG A 299 -12.37 -5.37 -4.67
N THR A 300 -13.21 -6.36 -4.94
CA THR A 300 -12.76 -7.74 -5.01
C THR A 300 -12.09 -8.01 -6.35
N LEU A 301 -11.12 -8.93 -6.34
CA LEU A 301 -10.44 -9.29 -7.57
C LEU A 301 -11.42 -9.79 -8.62
N THR A 302 -12.42 -10.57 -8.19
CA THR A 302 -13.45 -11.05 -9.11
C THR A 302 -14.16 -9.89 -9.80
N ASP A 303 -14.56 -8.87 -9.04
CA ASP A 303 -15.24 -7.73 -9.63
C ASP A 303 -14.31 -6.93 -10.54
N LEU A 304 -13.07 -6.70 -10.10
CA LEU A 304 -12.13 -5.95 -10.93
C LEU A 304 -11.90 -6.64 -12.26
N PHE A 305 -11.94 -7.98 -12.27
CA PHE A 305 -11.72 -8.73 -13.50
C PHE A 305 -12.95 -8.71 -14.40
N ASN A 306 -14.09 -9.18 -13.87
CA ASN A 306 -15.27 -9.39 -14.70
C ASN A 306 -15.81 -8.07 -15.24
N ASP A 307 -15.84 -7.04 -14.40
CA ASP A 307 -16.50 -5.79 -14.74
C ASP A 307 -15.57 -4.77 -15.41
N TYR A 308 -14.25 -4.98 -15.39
CA TYR A 308 -13.34 -3.96 -15.91
C TYR A 308 -12.18 -4.53 -16.73
N ALA A 309 -11.29 -5.30 -16.09
CA ALA A 309 -10.06 -5.71 -16.76
C ALA A 309 -10.32 -6.65 -17.93
N ASP A 310 -11.30 -7.54 -17.79
CA ASP A 310 -11.62 -8.48 -18.86
C ASP A 310 -12.28 -7.77 -20.04
N GLN A 311 -13.27 -6.93 -19.76
CA GLN A 311 -13.99 -6.19 -20.81
C GLN A 311 -13.06 -5.29 -21.60
N ALA A 312 -12.10 -4.66 -20.93
CA ALA A 312 -11.18 -3.72 -21.58
C ALA A 312 -10.00 -4.42 -22.24
N ASN A 313 -9.91 -5.75 -22.18
CA ASN A 313 -8.78 -6.49 -22.74
C ASN A 313 -7.45 -5.98 -22.20
N TYR A 314 -7.42 -5.64 -20.90
CA TYR A 314 -6.18 -5.28 -20.23
C TYR A 314 -5.51 -6.56 -19.75
N TYR A 315 -4.93 -7.29 -20.70
CA TYR A 315 -4.47 -8.64 -20.42
C TYR A 315 -3.37 -8.69 -19.37
N ASP A 316 -2.53 -7.66 -19.30
CA ASP A 316 -1.49 -7.66 -18.28
C ASP A 316 -2.09 -7.55 -16.89
N LEU A 317 -3.10 -6.68 -16.71
CA LEU A 317 -3.75 -6.56 -15.40
C LEU A 317 -4.57 -7.80 -15.06
N CYS A 318 -5.12 -8.48 -16.07
CA CYS A 318 -5.74 -9.78 -15.84
C CYS A 318 -4.74 -10.79 -15.26
N LEU A 319 -3.52 -10.81 -15.80
CA LEU A 319 -2.52 -11.75 -15.29
C LEU A 319 -2.13 -11.41 -13.85
N LEU A 320 -2.03 -10.11 -13.53
CA LEU A 320 -1.76 -9.71 -12.15
C LEU A 320 -2.92 -10.11 -11.24
N ILE A 321 -4.15 -10.01 -11.71
CA ILE A 321 -5.29 -10.46 -10.92
C ILE A 321 -5.22 -11.96 -10.68
N PHE A 322 -4.88 -12.73 -11.73
CA PHE A 322 -4.75 -14.18 -11.56
C PHE A 322 -3.68 -14.51 -10.53
N HIS A 323 -2.54 -13.80 -10.58
CA HIS A 323 -1.49 -14.03 -9.60
C HIS A 323 -1.96 -13.70 -8.18
N ALA A 324 -2.63 -12.56 -8.01
CA ALA A 324 -3.07 -12.17 -6.68
C ALA A 324 -4.12 -13.11 -6.12
N ALA A 325 -4.97 -13.68 -6.97
CA ALA A 325 -6.11 -14.48 -6.54
C ALA A 325 -5.81 -15.98 -6.47
N ASP A 326 -4.55 -16.38 -6.67
CA ASP A 326 -4.21 -17.81 -6.68
C ASP A 326 -5.08 -18.58 -7.67
N PHE A 327 -5.50 -17.89 -8.72
CA PHE A 327 -6.37 -18.48 -9.75
C PHE A 327 -5.70 -19.69 -10.38
N HIS A 328 -6.38 -20.83 -10.32
CA HIS A 328 -5.88 -22.09 -10.84
C HIS A 328 -6.65 -22.42 -12.11
N ASN A 329 -6.11 -22.01 -13.24
CA ASN A 329 -6.58 -22.46 -14.54
C ASN A 329 -5.46 -22.19 -15.53
N PRO A 330 -4.59 -23.17 -15.78
CA PRO A 330 -3.47 -22.91 -16.69
C PRO A 330 -3.91 -22.53 -18.08
N ARG A 331 -5.03 -23.07 -18.58
CA ARG A 331 -5.47 -22.76 -19.93
C ARG A 331 -5.84 -21.30 -20.08
N THR A 332 -6.63 -20.76 -19.14
CA THR A 332 -6.98 -19.36 -19.19
C THR A 332 -5.74 -18.48 -19.06
N ILE A 333 -4.82 -18.84 -18.16
CA ILE A 333 -3.59 -18.07 -17.98
C ILE A 333 -2.79 -18.05 -19.28
N LEU A 334 -2.61 -19.21 -19.91
CA LEU A 334 -1.81 -19.26 -21.14
C LEU A 334 -2.48 -18.49 -22.27
N ASP A 335 -3.81 -18.62 -22.42
N ASP A 335 -3.81 -18.62 -22.41
CA ASP A 335 -4.52 -17.86 -23.45
CA ASP A 335 -4.52 -17.87 -23.44
C ASP A 335 -4.42 -16.36 -23.20
C ASP A 335 -4.45 -16.37 -23.20
N THR A 336 -4.39 -15.95 -21.94
CA THR A 336 -4.26 -14.52 -21.63
C THR A 336 -2.88 -14.02 -22.00
N TRP A 337 -1.85 -14.86 -21.79
CA TRP A 337 -0.51 -14.51 -22.25
C TRP A 337 -0.48 -14.35 -23.77
N ASN A 338 -1.12 -15.27 -24.49
CA ASN A 338 -1.16 -15.22 -25.95
C ASN A 338 -1.83 -13.94 -26.43
N ASN A 339 -2.93 -13.55 -25.79
CA ASN A 339 -3.60 -12.30 -26.17
C ASN A 339 -2.76 -11.08 -25.84
N LEU A 340 -2.05 -11.11 -24.70
CA LEU A 340 -1.18 -9.99 -24.35
C LEU A 340 -0.04 -9.85 -25.36
N ILE A 341 0.55 -10.96 -25.76
CA ILE A 341 1.65 -10.94 -26.72
C ILE A 341 1.17 -10.37 -28.06
N ASN A 342 0.04 -10.86 -28.56
CA ASN A 342 -0.44 -10.46 -29.87
C ASN A 342 -0.96 -9.02 -29.85
N GLN A 343 -1.72 -8.66 -28.82
CA GLN A 343 -2.14 -7.27 -28.65
C GLN A 343 -0.95 -6.32 -28.66
N SER A 344 0.08 -6.61 -27.86
CA SER A 344 1.25 -5.75 -27.77
C SER A 344 1.98 -5.68 -29.11
N HIS A 345 2.05 -6.80 -29.83
CA HIS A 345 2.71 -6.81 -31.14
C HIS A 345 1.99 -5.89 -32.12
N PHE A 346 0.67 -6.02 -32.19
CA PHE A 346 -0.14 -5.21 -33.11
C PHE A 346 0.01 -3.72 -32.82
N GLU A 347 0.07 -3.35 -31.53
CA GLU A 347 0.22 -1.94 -31.18
C GLU A 347 1.60 -1.44 -31.56
N ALA A 348 2.64 -2.22 -31.29
CA ALA A 348 3.99 -1.79 -31.59
C ALA A 348 4.20 -1.67 -33.10
N GLU A 349 3.55 -2.53 -33.87
CA GLU A 349 3.67 -2.49 -35.33
C GLU A 349 3.10 -1.20 -35.88
N GLN A 350 1.98 -0.73 -35.34
CA GLN A 350 1.37 0.50 -35.86
C GLN A 350 2.23 1.72 -35.55
N ARG A 351 2.81 1.78 -34.34
CA ARG A 351 3.67 2.90 -34.00
C ARG A 351 4.93 2.90 -34.86
N ARG A 352 5.49 1.72 -35.16
CA ARG A 352 6.62 1.64 -36.09
C ARG A 352 6.23 2.17 -37.45
N GLU A 353 5.08 1.74 -37.98
CA GLU A 353 4.64 2.23 -39.28
C GLU A 353 4.58 3.75 -39.32
N TYR A 354 3.90 4.36 -38.34
CA TYR A 354 3.79 5.81 -38.36
C TYR A 354 5.16 6.47 -38.26
N TRP A 355 6.06 5.91 -37.45
CA TRP A 355 7.42 6.46 -37.38
C TRP A 355 8.12 6.33 -38.72
N GLU A 356 8.01 5.17 -39.38
N GLU A 356 8.02 5.16 -39.37
CA GLU A 356 8.68 4.97 -40.67
CA GLU A 356 8.67 4.97 -40.67
C GLU A 356 8.13 5.89 -41.75
C GLU A 356 8.14 5.95 -41.71
N ILE A 357 6.85 6.26 -41.67
CA ILE A 357 6.29 7.22 -42.63
C ILE A 357 6.93 8.59 -42.45
N VAL A 358 7.18 9.02 -41.20
CA VAL A 358 7.84 10.29 -41.00
C VAL A 358 9.27 10.24 -41.52
N GLN A 359 10.01 9.18 -41.22
CA GLN A 359 11.38 9.07 -41.70
C GLN A 359 11.45 9.09 -43.22
N ALA A 360 10.48 8.45 -43.88
CA ALA A 360 10.45 8.42 -45.33
C ALA A 360 9.86 9.68 -45.96
N GLY A 361 9.42 10.64 -45.16
CA GLY A 361 8.79 11.83 -45.70
C GLY A 361 7.38 11.62 -46.22
N GLY A 362 6.76 10.48 -45.92
CA GLY A 362 5.40 10.23 -46.34
C GLY A 362 4.41 11.12 -45.59
N ASP A 363 3.14 10.90 -45.91
CA ASP A 363 2.03 11.63 -45.31
C ASP A 363 1.35 10.79 -44.26
N LEU A 364 1.17 11.35 -43.07
CA LEU A 364 0.41 10.63 -42.06
C LEU A 364 -1.08 10.74 -42.38
N PRO A 365 -1.87 9.73 -42.01
CA PRO A 365 -3.33 9.90 -42.02
C PRO A 365 -3.73 11.10 -41.19
N ALA A 366 -4.85 11.71 -41.59
CA ALA A 366 -5.38 12.86 -40.86
C ALA A 366 -5.55 12.54 -39.38
N GLY A 367 -5.15 13.47 -38.52
CA GLY A 367 -5.32 13.34 -37.09
C GLY A 367 -4.34 12.43 -36.40
N VAL A 368 -3.50 11.70 -37.13
CA VAL A 368 -2.54 10.79 -36.51
C VAL A 368 -1.34 11.57 -36.00
N ILE A 369 -0.90 11.22 -34.79
CA ILE A 369 0.31 11.75 -34.18
C ILE A 369 1.34 10.62 -34.19
N ALA A 370 2.44 10.83 -34.90
CA ALA A 370 3.48 9.82 -34.97
C ALA A 370 4.39 9.91 -33.75
N PRO A 371 5.07 8.82 -33.39
CA PRO A 371 6.07 8.89 -32.32
C PRO A 371 7.15 9.91 -32.67
N ILE A 372 7.56 10.69 -31.66
CA ILE A 372 8.58 11.70 -31.92
C ILE A 372 9.99 11.13 -31.79
N ALA A 373 10.13 10.01 -31.10
CA ALA A 373 11.38 9.28 -31.00
C ALA A 373 11.13 7.85 -31.47
N GLU A 374 12.18 7.21 -31.94
CA GLU A 374 12.04 5.89 -32.56
C GLU A 374 11.36 4.93 -31.59
N PRO A 375 10.22 4.34 -31.94
CA PRO A 375 9.57 3.38 -31.06
C PRO A 375 10.19 2.00 -31.20
N PRO A 376 9.95 1.10 -30.25
CA PRO A 376 10.59 -0.22 -30.30
C PRO A 376 10.03 -1.13 -31.37
N LEU A 377 10.90 -1.97 -31.93
CA LEU A 377 10.44 -3.07 -32.75
C LEU A 377 9.49 -3.94 -31.93
N PRO A 378 8.56 -4.66 -32.59
CA PRO A 378 7.51 -5.35 -31.83
C PRO A 378 8.02 -6.31 -30.77
N TYR A 379 9.09 -7.07 -31.06
CA TYR A 379 9.56 -8.04 -30.07
C TYR A 379 10.15 -7.36 -28.84
N VAL A 380 10.71 -6.15 -29.00
CA VAL A 380 11.19 -5.41 -27.84
C VAL A 380 10.03 -5.00 -26.94
N TYR A 381 8.96 -4.49 -27.54
CA TYR A 381 7.80 -4.09 -26.76
C TYR A 381 7.14 -5.30 -26.09
N VAL A 382 7.03 -6.42 -26.82
CA VAL A 382 6.54 -7.66 -26.22
C VAL A 382 7.40 -8.06 -25.03
N SER A 383 8.73 -8.04 -25.21
CA SER A 383 9.63 -8.41 -24.12
C SER A 383 9.46 -7.48 -22.93
N GLN A 384 9.30 -6.18 -23.18
CA GLN A 384 9.09 -5.24 -22.08
C GLN A 384 7.83 -5.57 -21.30
N GLN A 385 6.77 -5.97 -22.00
CA GLN A 385 5.53 -6.27 -21.29
C GLN A 385 5.68 -7.52 -20.44
N ILE A 386 6.41 -8.51 -20.94
CA ILE A 386 6.66 -9.73 -20.17
C ILE A 386 7.50 -9.41 -18.95
N GLN A 387 8.58 -8.63 -19.13
CA GLN A 387 9.48 -8.29 -18.03
C GLN A 387 8.76 -7.48 -16.95
N LEU A 388 7.84 -6.59 -17.36
CA LEU A 388 7.11 -5.80 -16.37
C LEU A 388 6.32 -6.70 -15.43
N ILE A 389 5.68 -7.73 -15.97
CA ILE A 389 4.89 -8.63 -15.14
C ILE A 389 5.79 -9.48 -14.27
N ALA A 390 6.92 -9.95 -14.85
CA ALA A 390 7.87 -10.76 -14.11
C ALA A 390 8.42 -10.02 -12.89
N HIS A 391 8.88 -8.78 -13.08
CA HIS A 391 9.43 -8.02 -11.95
C HIS A 391 8.37 -7.64 -10.93
N ARG A 392 7.09 -7.66 -11.31
CA ARG A 392 6.03 -7.32 -10.38
C ARG A 392 5.53 -8.52 -9.58
N THR A 393 5.46 -9.70 -10.20
CA THR A 393 4.94 -10.89 -9.55
C THR A 393 6.05 -11.86 -9.11
N SER A 394 7.27 -11.65 -9.57
CA SER A 394 8.35 -12.64 -9.46
CA SER A 394 8.35 -12.64 -9.46
C SER A 394 8.02 -13.86 -10.31
N LEU A 395 9.04 -14.67 -10.63
CA LEU A 395 8.83 -15.89 -11.38
C LEU A 395 8.19 -16.99 -10.54
N ASP A 396 8.19 -16.83 -9.21
CA ASP A 396 7.52 -17.78 -8.32
C ASP A 396 6.02 -17.50 -8.37
N SER A 397 5.41 -17.93 -9.47
CA SER A 397 4.00 -17.64 -9.72
C SER A 397 3.46 -18.65 -10.72
N LEU A 398 2.16 -18.92 -10.61
CA LEU A 398 1.48 -19.75 -11.59
C LEU A 398 1.28 -19.06 -12.93
N ILE A 399 1.46 -17.75 -13.00
CA ILE A 399 1.27 -17.03 -14.26
C ILE A 399 2.57 -17.06 -15.04
N PHE A 400 3.59 -17.77 -14.55
CA PHE A 400 4.84 -17.97 -15.29
C PHE A 400 5.15 -19.45 -15.43
N PRO A 401 4.32 -20.19 -16.16
CA PRO A 401 4.64 -21.58 -16.45
C PRO A 401 5.62 -21.67 -17.62
N VAL A 402 6.91 -21.75 -17.32
CA VAL A 402 7.92 -21.65 -18.38
C VAL A 402 7.72 -22.72 -19.44
N ASN A 403 7.29 -23.92 -19.02
CA ASN A 403 7.17 -25.04 -19.95
C ASN A 403 6.13 -24.77 -21.03
N SER A 404 5.09 -24.00 -20.70
CA SER A 404 4.03 -23.62 -21.62
C SER A 404 4.25 -22.24 -22.23
N LEU A 405 4.79 -21.30 -21.45
CA LEU A 405 4.90 -19.92 -21.91
C LEU A 405 6.07 -19.73 -22.86
N LEU A 406 7.22 -20.36 -22.58
CA LEU A 406 8.36 -20.19 -23.48
C LEU A 406 8.04 -20.66 -24.90
N PRO A 407 7.38 -21.80 -25.13
CA PRO A 407 6.99 -22.15 -26.51
C PRO A 407 6.06 -21.14 -27.16
N VAL A 408 5.19 -20.48 -26.38
CA VAL A 408 4.30 -19.46 -26.95
C VAL A 408 5.10 -18.24 -27.42
N VAL A 409 6.10 -17.83 -26.64
CA VAL A 409 6.95 -16.71 -27.05
C VAL A 409 7.79 -17.10 -28.26
N CYS A 410 8.33 -18.33 -28.27
CA CYS A 410 9.13 -18.79 -29.40
C CYS A 410 8.30 -18.87 -30.66
N ALA A 411 7.08 -19.41 -30.55
CA ALA A 411 6.18 -19.45 -31.71
C ALA A 411 5.87 -18.05 -32.21
N TYR A 412 5.64 -17.11 -31.29
CA TYR A 412 5.41 -15.72 -31.69
C TYR A 412 6.57 -15.21 -32.53
N ALA A 413 7.81 -15.49 -32.11
CA ALA A 413 8.98 -14.95 -32.78
C ALA A 413 9.11 -15.46 -34.21
N ILE A 414 8.76 -16.73 -34.43
CA ILE A 414 8.82 -17.31 -35.77
C ILE A 414 7.66 -16.81 -36.62
N ASN A 415 6.44 -16.92 -36.09
CA ASN A 415 5.26 -16.59 -36.87
C ASN A 415 5.24 -15.12 -37.28
N ASN A 416 5.88 -14.24 -36.50
CA ASN A 416 5.85 -12.82 -36.77
C ASN A 416 7.19 -12.28 -37.26
N GLY A 417 8.11 -13.17 -37.66
CA GLY A 417 9.38 -12.76 -38.26
C GLY A 417 10.22 -11.82 -37.42
N GLN A 418 10.26 -12.03 -36.11
CA GLN A 418 11.07 -11.19 -35.22
C GLN A 418 12.47 -11.79 -35.10
N ASP A 419 13.23 -11.61 -36.18
CA ASP A 419 14.50 -12.30 -36.37
C ASP A 419 15.49 -11.34 -37.02
N ALA A 420 16.58 -11.89 -37.57
CA ALA A 420 17.64 -11.07 -38.15
C ALA A 420 17.17 -10.29 -39.38
N SER A 421 16.02 -10.63 -39.95
CA SER A 421 15.50 -9.86 -41.08
C SER A 421 15.06 -8.46 -40.67
N ILE A 422 14.82 -8.22 -39.38
CA ILE A 422 14.55 -6.87 -38.88
C ILE A 422 15.67 -6.37 -37.98
N GLY A 423 16.81 -7.04 -37.98
CA GLY A 423 17.92 -6.64 -37.15
C GLY A 423 17.91 -7.23 -35.75
N ALA A 424 16.98 -8.12 -35.45
CA ALA A 424 16.86 -8.70 -34.12
C ALA A 424 17.86 -9.84 -33.94
N ASP A 425 18.35 -9.99 -32.71
CA ASP A 425 19.05 -11.21 -32.34
C ASP A 425 18.05 -12.35 -32.45
N PRO A 426 18.29 -13.34 -33.32
CA PRO A 426 17.29 -14.41 -33.48
C PRO A 426 17.00 -15.15 -32.18
N CYS A 427 17.94 -15.13 -31.24
CA CYS A 427 17.79 -15.85 -29.98
C CYS A 427 17.14 -15.01 -28.88
N TRP A 428 16.49 -13.90 -29.24
CA TRP A 428 15.97 -13.00 -28.20
C TRP A 428 15.00 -13.69 -27.24
N PRO A 429 14.16 -14.65 -27.65
CA PRO A 429 13.30 -15.32 -26.67
C PRO A 429 14.08 -16.01 -25.57
N ILE A 430 15.21 -16.61 -25.91
CA ILE A 430 15.98 -17.36 -24.93
C ILE A 430 16.71 -16.41 -24.00
N GLN A 431 17.30 -15.35 -24.54
CA GLN A 431 17.95 -14.34 -23.71
C GLN A 431 16.96 -13.69 -22.75
N LEU A 432 15.73 -13.44 -23.23
CA LEU A 432 14.69 -12.89 -22.38
C LEU A 432 14.46 -13.75 -21.15
N PHE A 433 14.21 -15.03 -21.35
CA PHE A 433 13.89 -15.89 -20.22
C PHE A 433 15.09 -16.08 -19.31
N LEU A 434 16.28 -16.23 -19.89
CA LEU A 434 17.47 -16.37 -19.05
C LEU A 434 17.76 -15.11 -18.26
N ASN A 435 17.61 -13.93 -18.88
CA ASN A 435 17.85 -12.69 -18.16
C ASN A 435 16.81 -12.42 -17.09
N LEU A 436 15.63 -13.04 -17.18
CA LEU A 436 14.64 -12.95 -16.12
C LEU A 436 14.93 -13.88 -14.95
N GLY A 437 15.93 -14.74 -15.05
CA GLY A 437 16.29 -15.64 -13.97
C GLY A 437 15.84 -17.08 -14.15
N VAL A 438 15.23 -17.44 -15.28
CA VAL A 438 14.87 -18.85 -15.49
C VAL A 438 16.14 -19.68 -15.60
N PRO A 439 16.30 -20.76 -14.83
CA PRO A 439 17.57 -21.50 -14.87
C PRO A 439 17.80 -22.14 -16.24
N HIS A 440 19.07 -22.27 -16.60
CA HIS A 440 19.44 -22.77 -17.92
C HIS A 440 18.88 -24.17 -18.15
N ALA A 441 18.97 -25.04 -17.15
CA ALA A 441 18.51 -26.42 -17.31
C ALA A 441 17.05 -26.48 -17.75
N LEU A 442 16.21 -25.61 -17.19
CA LEU A 442 14.80 -25.64 -17.54
C LEU A 442 14.58 -25.15 -18.97
N VAL A 443 15.31 -24.13 -19.40
CA VAL A 443 15.17 -23.61 -20.76
C VAL A 443 15.56 -24.69 -21.78
N VAL A 444 16.68 -25.37 -21.55
CA VAL A 444 17.13 -26.42 -22.46
C VAL A 444 16.14 -27.58 -22.44
N GLN A 445 15.54 -27.87 -21.28
CA GLN A 445 14.49 -28.89 -21.19
C GLN A 445 13.32 -28.55 -22.10
N VAL A 446 12.84 -27.31 -22.03
CA VAL A 446 11.74 -26.88 -22.90
C VAL A 446 12.17 -26.97 -24.35
N LEU A 447 13.38 -26.49 -24.68
CA LEU A 447 13.82 -26.52 -26.06
C LEU A 447 13.99 -27.94 -26.57
N GLU A 448 14.39 -28.86 -25.68
CA GLU A 448 14.44 -30.27 -26.07
C GLU A 448 13.06 -30.77 -26.47
N ASN A 449 12.03 -30.44 -25.68
CA ASN A 449 10.68 -30.83 -26.00
C ASN A 449 10.21 -30.18 -27.30
N VAL A 450 10.54 -28.91 -27.52
CA VAL A 450 10.14 -28.24 -28.76
C VAL A 450 10.79 -28.92 -29.97
N LEU A 451 12.06 -29.28 -29.86
CA LEU A 451 12.76 -29.91 -30.98
C LEU A 451 12.18 -31.29 -31.28
N ASP A 452 11.77 -32.04 -30.26
CA ASP A 452 11.35 -33.42 -30.47
C ASP A 452 9.88 -33.56 -30.90
N THR A 453 8.99 -32.67 -30.44
CA THR A 453 7.57 -32.82 -30.75
C THR A 453 7.17 -32.27 -32.11
N GLN A 454 7.96 -31.38 -32.71
CA GLN A 454 7.76 -30.91 -34.09
C GLN A 454 6.33 -30.43 -34.34
N GLU A 455 5.85 -29.52 -33.49
CA GLU A 455 4.58 -28.83 -33.72
C GLU A 455 4.84 -27.49 -34.39
N ALA A 456 3.97 -27.14 -35.33
CA ALA A 456 4.08 -25.89 -36.04
C ALA A 456 4.09 -24.73 -35.04
N PRO A 457 4.95 -23.73 -35.26
CA PRO A 457 5.80 -23.50 -36.44
C PRO A 457 7.18 -24.13 -36.34
N PHE A 458 7.38 -25.00 -35.35
CA PHE A 458 8.67 -25.64 -35.11
C PHE A 458 8.81 -26.90 -35.97
N THR A 459 8.74 -26.69 -37.29
CA THR A 459 8.72 -27.78 -38.26
C THR A 459 9.58 -27.40 -39.46
N GLY A 460 9.93 -28.41 -40.24
CA GLY A 460 10.67 -28.19 -41.46
C GLY A 460 12.02 -27.56 -41.21
N ARG A 461 12.40 -26.63 -42.09
CA ARG A 461 13.68 -25.98 -41.98
C ARG A 461 13.73 -24.92 -40.88
N ARG A 462 12.59 -24.60 -40.26
CA ARG A 462 12.61 -23.65 -39.14
C ARG A 462 13.18 -24.27 -37.87
N ARG A 463 13.26 -25.59 -37.80
CA ARG A 463 13.92 -26.23 -36.67
C ARG A 463 15.41 -25.90 -36.60
N LYS A 464 15.97 -25.29 -37.65
CA LYS A 464 17.31 -24.72 -37.56
C LYS A 464 17.38 -23.69 -36.44
N LEU A 465 16.37 -22.83 -36.35
CA LEU A 465 16.37 -21.81 -35.29
C LEU A 465 16.27 -22.44 -33.92
N VAL A 466 15.50 -23.52 -33.78
CA VAL A 466 15.39 -24.22 -32.50
C VAL A 466 16.76 -24.74 -32.07
N VAL A 467 17.55 -25.23 -33.04
CA VAL A 467 18.91 -25.66 -32.73
C VAL A 467 19.77 -24.46 -32.37
N GLN A 468 19.59 -23.34 -33.08
CA GLN A 468 20.29 -22.10 -32.69
C GLN A 468 19.96 -21.71 -31.26
N TRP A 469 18.68 -21.85 -30.87
CA TRP A 469 18.27 -21.54 -29.51
C TRP A 469 18.94 -22.46 -28.50
N ILE A 470 18.99 -23.76 -28.81
CA ILE A 470 19.65 -24.72 -27.92
C ILE A 470 21.11 -24.38 -27.77
N ALA A 471 21.80 -24.13 -28.89
CA ALA A 471 23.22 -23.79 -28.83
C ALA A 471 23.46 -22.58 -27.95
N MET A 472 22.65 -21.54 -28.11
N MET A 472 22.63 -21.56 -28.06
CA MET A 472 22.81 -20.31 -27.33
CA MET A 472 22.88 -20.34 -27.31
C MET A 472 22.58 -20.59 -25.85
C MET A 472 22.53 -20.51 -25.84
N ALA A 473 21.48 -21.26 -25.52
CA ALA A 473 21.17 -21.56 -24.13
C ALA A 473 22.28 -22.38 -23.47
N VAL A 474 22.83 -23.35 -24.20
CA VAL A 474 23.89 -24.18 -23.64
C VAL A 474 25.19 -23.40 -23.53
N ASP A 475 25.49 -22.55 -24.53
CA ASP A 475 26.67 -21.70 -24.45
C ASP A 475 26.64 -20.84 -23.19
N MET A 476 25.53 -20.12 -22.98
N MET A 476 25.54 -20.11 -22.98
CA MET A 476 25.40 -19.30 -21.78
CA MET A 476 25.43 -19.29 -21.77
C MET A 476 25.45 -20.16 -20.52
C MET A 476 25.45 -20.16 -20.51
N TRP A 477 25.02 -21.42 -20.61
CA TRP A 477 25.02 -22.31 -19.45
C TRP A 477 26.44 -22.67 -19.04
N VAL A 478 27.24 -23.16 -19.98
CA VAL A 478 28.61 -23.55 -19.64
C VAL A 478 29.42 -22.32 -19.22
N ARG A 479 29.15 -21.17 -19.83
CA ARG A 479 29.83 -19.94 -19.41
C ARG A 479 29.53 -19.61 -17.96
N GLU A 480 28.27 -19.75 -17.56
CA GLU A 480 27.89 -19.51 -16.17
C GLU A 480 28.50 -20.55 -15.24
N VAL A 481 28.62 -21.80 -15.70
CA VAL A 481 29.28 -22.83 -14.89
C VAL A 481 30.76 -22.51 -14.73
N GLU A 482 31.39 -22.04 -15.81
CA GLU A 482 32.80 -21.63 -15.73
C GLU A 482 32.96 -20.42 -14.83
N ARG A 483 32.00 -19.48 -14.87
CA ARG A 483 32.07 -18.29 -14.02
C ARG A 483 31.93 -18.66 -12.55
N ARG A 484 30.85 -19.37 -12.20
CA ARG A 484 30.67 -19.81 -10.82
C ARG A 484 31.77 -20.77 -10.40
N GLY A 485 32.29 -21.55 -11.33
CA GLY A 485 33.26 -22.58 -11.01
C GLY A 485 32.67 -23.88 -10.51
N ALA A 486 31.33 -23.99 -10.46
CA ALA A 486 30.69 -25.17 -9.93
C ALA A 486 29.34 -25.36 -10.60
N MET A 487 28.84 -26.60 -10.54
CA MET A 487 27.54 -26.98 -11.09
C MET A 487 26.62 -27.36 -9.95
N ALA A 488 25.66 -26.49 -9.63
CA ALA A 488 24.71 -26.80 -8.57
C ALA A 488 23.88 -28.03 -8.95
N ALA A 489 23.55 -28.83 -7.94
CA ALA A 489 22.75 -30.05 -8.14
C ALA A 489 21.56 -30.08 -7.18
N SER A 498 12.11 -33.77 -9.61
CA SER A 498 13.10 -33.97 -10.65
C SER A 498 13.53 -32.65 -11.28
N GLU A 499 14.18 -31.80 -10.48
CA GLU A 499 14.73 -30.57 -11.00
C GLU A 499 15.90 -30.88 -11.92
N ALA A 500 15.82 -30.40 -13.16
CA ALA A 500 16.84 -30.74 -14.15
C ALA A 500 18.16 -30.06 -13.82
N VAL A 501 19.24 -30.80 -14.05
CA VAL A 501 20.61 -30.35 -13.83
C VAL A 501 21.40 -30.73 -15.08
N MET A 502 22.63 -30.24 -15.19
CA MET A 502 23.44 -30.67 -16.33
C MET A 502 23.83 -32.13 -16.16
N GLY A 503 23.62 -32.91 -17.21
CA GLY A 503 23.98 -34.30 -17.23
C GLY A 503 24.09 -34.77 -18.66
N SER A 504 24.13 -36.10 -18.80
CA SER A 504 24.32 -36.71 -20.12
C SER A 504 23.22 -36.31 -21.09
N TRP A 505 22.00 -36.06 -20.58
CA TRP A 505 20.90 -35.72 -21.48
C TRP A 505 21.19 -34.46 -22.29
N VAL A 506 21.99 -33.54 -21.75
CA VAL A 506 22.39 -32.34 -22.50
C VAL A 506 23.32 -32.73 -23.64
N SER A 507 24.29 -33.60 -23.35
CA SER A 507 25.22 -34.08 -24.37
C SER A 507 24.49 -34.85 -25.46
N GLU A 508 23.49 -35.66 -25.06
CA GLU A 508 22.70 -36.40 -26.04
CA GLU A 508 22.70 -36.40 -26.04
C GLU A 508 21.91 -35.46 -26.93
N LEU A 509 21.35 -34.39 -26.35
CA LEU A 509 20.57 -33.43 -27.14
C LEU A 509 21.45 -32.78 -28.20
N LEU A 510 22.66 -32.34 -27.82
CA LEU A 510 23.55 -31.69 -28.77
C LEU A 510 23.99 -32.66 -29.87
N GLY A 511 24.22 -33.93 -29.53
CA GLY A 511 24.50 -34.91 -30.57
C GLY A 511 23.32 -35.07 -31.51
N ARG A 512 22.14 -35.28 -30.94
CA ARG A 512 20.89 -35.37 -31.70
C ARG A 512 20.75 -34.22 -32.68
N ALA A 513 21.04 -32.99 -32.22
CA ALA A 513 20.83 -31.81 -33.04
C ALA A 513 21.63 -31.88 -34.34
N ASP A 514 22.73 -32.63 -34.36
CA ASP A 514 23.53 -32.71 -35.58
C ASP A 514 22.74 -33.36 -36.70
N GLN A 515 21.90 -34.34 -36.37
CA GLN A 515 21.07 -34.98 -37.38
C GLN A 515 20.00 -34.04 -37.91
N VAL A 516 19.40 -33.23 -37.02
CA VAL A 516 18.44 -32.22 -37.47
C VAL A 516 19.10 -31.30 -38.49
N LEU A 517 20.33 -30.87 -38.20
CA LEU A 517 21.01 -29.91 -39.08
C LEU A 517 21.34 -30.53 -40.43
N THR A 518 21.87 -31.77 -40.48
CA THR A 518 22.16 -32.35 -41.78
C THR A 518 20.87 -32.58 -42.56
N GLN A 519 19.78 -32.91 -41.87
CA GLN A 519 18.49 -33.07 -42.52
C GLN A 519 18.03 -31.76 -43.14
N ILE A 520 18.20 -30.65 -42.41
CA ILE A 520 17.78 -29.33 -42.92
C ILE A 520 18.68 -28.88 -44.06
N ALA A 521 19.99 -29.17 -43.97
CA ALA A 521 20.87 -28.88 -45.10
C ALA A 521 20.42 -29.61 -46.35
N GLY A 522 20.03 -30.89 -46.22
CA GLY A 522 19.65 -31.68 -47.37
C GLY A 522 18.41 -31.15 -48.07
N THR A 523 17.40 -30.75 -47.29
CA THR A 523 16.20 -30.19 -47.90
C THR A 523 16.46 -28.79 -48.46
N GLY A 524 17.41 -28.07 -47.88
CA GLY A 524 17.76 -26.76 -48.41
C GLY A 524 18.41 -26.82 -49.77
N ALA A 525 19.28 -27.81 -49.99
CA ALA A 525 20.02 -27.89 -51.24
C ALA A 525 19.12 -28.14 -52.44
N THR A 526 17.92 -28.68 -52.24
CA THR A 526 17.05 -29.11 -53.33
C THR A 526 15.79 -28.25 -53.46
N LEU A 527 15.73 -27.10 -52.79
CA LEU A 527 14.55 -26.25 -52.85
C LEU A 527 14.28 -25.81 -54.29
N ARG A 528 13.01 -25.81 -54.67
N ARG A 528 13.01 -25.82 -54.66
CA ARG A 528 12.63 -25.39 -56.01
CA ARG A 528 12.60 -25.36 -55.99
C ARG A 528 12.95 -23.90 -56.20
C ARG A 528 12.96 -23.89 -56.18
N GLY A 529 13.74 -23.60 -57.22
CA GLY A 529 14.18 -22.26 -57.52
C GLY A 529 15.66 -22.03 -57.30
N GLY A 530 16.33 -22.93 -56.63
CA GLY A 530 17.75 -22.84 -56.34
C GLY A 530 18.02 -23.22 -54.89
N ALA A 531 19.26 -23.63 -54.63
CA ALA A 531 19.66 -24.05 -53.31
C ALA A 531 19.50 -22.93 -52.29
N ALA A 532 19.11 -23.30 -51.07
CA ALA A 532 19.06 -22.32 -49.99
C ALA A 532 20.42 -21.69 -49.78
N SER A 533 20.42 -20.45 -49.31
CA SER A 533 21.65 -19.69 -49.14
C SER A 533 22.32 -19.92 -47.78
N ASP A 534 21.81 -20.83 -46.94
CA ASP A 534 22.31 -21.01 -45.59
C ASP A 534 23.18 -22.26 -45.43
N ALA A 535 23.78 -22.75 -46.52
CA ALA A 535 24.56 -23.97 -46.45
C ALA A 535 25.76 -23.80 -45.52
N GLU A 536 26.51 -22.71 -45.68
CA GLU A 536 27.68 -22.48 -44.82
C GLU A 536 27.26 -22.11 -43.40
N GLU A 537 26.12 -21.43 -43.26
CA GLU A 537 25.59 -21.14 -41.93
C GLU A 537 25.32 -22.43 -41.15
N ILE A 538 24.68 -23.40 -41.79
CA ILE A 538 24.40 -24.66 -41.13
C ILE A 538 25.70 -25.41 -40.84
N ALA A 539 26.63 -25.42 -41.79
CA ALA A 539 27.91 -26.07 -41.57
C ALA A 539 28.62 -25.49 -40.36
N SER A 540 28.65 -24.16 -40.24
CA SER A 540 29.29 -23.53 -39.09
CA SER A 540 29.29 -23.53 -39.09
C SER A 540 28.53 -23.83 -37.81
N LEU A 541 27.19 -23.86 -37.87
CA LEU A 541 26.41 -24.20 -36.69
C LEU A 541 26.65 -25.63 -36.23
N ARG A 542 26.84 -26.56 -37.18
CA ARG A 542 27.23 -27.92 -36.83
C ARG A 542 28.52 -27.93 -36.02
N ARG A 543 29.52 -27.17 -36.47
CA ARG A 543 30.78 -27.09 -35.74
C ARG A 543 30.58 -26.45 -34.37
N THR A 544 29.71 -25.44 -34.29
CA THR A 544 29.45 -24.80 -33.01
C THR A 544 28.80 -25.76 -32.02
N VAL A 545 27.82 -26.53 -32.48
CA VAL A 545 27.12 -27.46 -31.59
C VAL A 545 28.04 -28.58 -31.14
N LYS A 546 28.92 -29.06 -32.03
CA LYS A 546 29.89 -30.08 -31.64
C LYS A 546 30.88 -29.53 -30.63
N GLY A 547 31.32 -28.29 -30.82
CA GLY A 547 32.21 -27.66 -29.83
C GLY A 547 31.55 -27.53 -28.47
N LEU A 548 30.26 -27.20 -28.45
CA LEU A 548 29.54 -27.16 -27.18
C LEU A 548 29.43 -28.54 -26.56
N LYS A 549 29.19 -29.56 -27.39
CA LYS A 549 29.11 -30.92 -26.86
C LYS A 549 30.42 -31.36 -26.24
N ARG A 550 31.57 -30.94 -26.79
CA ARG A 550 32.85 -31.25 -26.16
C ARG A 550 32.93 -30.60 -24.78
N SER A 551 32.55 -29.33 -24.69
CA SER A 551 32.62 -28.62 -23.41
C SER A 551 31.73 -29.30 -22.38
N VAL A 552 30.50 -29.65 -22.77
CA VAL A 552 29.61 -30.35 -21.85
C VAL A 552 30.22 -31.69 -21.43
N ASP A 553 30.77 -32.44 -22.38
CA ASP A 553 31.33 -33.74 -22.04
C ASP A 553 32.53 -33.61 -21.11
N MET A 554 33.32 -32.54 -21.28
CA MET A 554 34.45 -32.32 -20.38
C MET A 554 33.98 -31.98 -18.97
N LEU A 555 32.91 -31.20 -18.85
CA LEU A 555 32.37 -30.88 -17.53
C LEU A 555 31.81 -32.11 -16.84
N LEU A 556 31.17 -33.00 -17.61
CA LEU A 556 30.61 -34.22 -17.02
C LEU A 556 31.70 -35.26 -16.76
N GLY A 557 32.66 -35.39 -17.66
CA GLY A 557 33.78 -36.30 -17.45
C GLY A 557 34.77 -35.84 -16.40
N GLY A 558 34.66 -34.60 -15.94
CA GLY A 558 35.54 -34.07 -14.93
C GLY A 558 35.06 -34.44 -13.53
N GLU A 559 35.57 -33.69 -12.55
CA GLU A 559 35.22 -33.91 -11.15
C GLU A 559 34.93 -32.60 -10.44
N MET A 560 34.67 -31.52 -11.18
CA MET A 560 34.60 -30.20 -10.58
C MET A 560 33.42 -30.11 -9.60
N ALA A 561 33.43 -29.02 -8.83
CA ALA A 561 32.57 -28.92 -7.65
C ALA A 561 31.10 -28.85 -8.02
N ARG A 562 30.29 -29.59 -7.27
CA ARG A 562 28.86 -29.34 -7.16
C ARG A 562 28.61 -28.62 -5.84
N MET A 563 27.80 -27.56 -5.88
CA MET A 563 27.86 -26.55 -4.82
C MET A 563 26.50 -26.22 -4.19
N SER A 564 26.48 -25.21 -3.32
CA SER A 564 25.39 -24.97 -2.38
C SER A 564 24.36 -23.99 -2.92
N PHE A 565 23.09 -24.26 -2.61
CA PHE A 565 22.01 -23.31 -2.92
C PHE A 565 21.01 -23.43 -1.76
N PHE A 566 21.23 -22.64 -0.71
CA PHE A 566 20.39 -22.71 0.47
C PHE A 566 19.02 -22.06 0.22
N ARG A 567 18.02 -22.52 0.95
CA ARG A 567 16.69 -21.93 0.87
C ARG A 567 16.69 -20.54 1.52
C1 EDO B . 36.22 -17.46 -10.21
O1 EDO B . 35.40 -18.49 -9.64
C2 EDO B . 35.75 -17.15 -11.62
O2 EDO B . 34.50 -16.46 -11.56
H11 EDO B . 37.26 -17.79 -10.23
H12 EDO B . 36.17 -16.56 -9.59
HO1 EDO B . 35.71 -18.69 -8.74
H21 EDO B . 35.63 -18.08 -12.18
H22 EDO B . 36.50 -16.54 -12.13
HO2 EDO B . 34.21 -16.26 -12.47
C1 EDO C . 2.35 22.70 17.03
O1 EDO C . 3.65 22.63 17.63
C2 EDO C . 2.35 23.82 16.01
O2 EDO C . 1.08 23.86 15.35
H11 EDO C . 2.12 21.75 16.55
H12 EDO C . 1.60 22.88 17.80
HO1 EDO C . 3.67 21.92 18.29
H21 EDO C . 3.14 23.67 15.28
H22 EDO C . 2.52 24.78 16.52
HO2 EDO C . 1.08 24.58 14.70
N1 EPE D . -0.37 26.62 22.91
C2 EPE D . 0.54 27.24 23.91
C3 EPE D . -0.13 28.29 24.78
N4 EPE D . -0.88 29.27 24.03
C5 EPE D . -1.17 28.94 22.65
C6 EPE D . -1.53 27.47 22.55
C7 EPE D . -1.75 30.16 24.77
C8 EPE D . -1.29 31.61 24.73
O8 EPE D . 0.13 31.71 24.73
C9 EPE D . -0.83 25.25 23.22
C10 EPE D . 0.27 24.27 23.58
S EPE D . 0.36 22.88 22.42
O1S EPE D . -0.78 21.98 22.60
O2S EPE D . 0.37 23.39 21.05
O3S EPE D . 1.60 22.19 22.70
H21 EPE D . 1.38 27.70 23.39
H22 EPE D . 0.95 26.45 24.55
H31 EPE D . 0.64 28.81 25.37
H32 EPE D . -0.79 27.79 25.50
H51 EPE D . -2.00 29.55 22.29
H52 EPE D . -0.30 29.16 22.04
H61 EPE D . -1.84 27.24 21.54
H62 EPE D . -2.36 27.25 23.22
H71 EPE D . -2.76 30.09 24.36
H72 EPE D . -1.79 29.84 25.81
H81 EPE D . -1.69 32.14 25.59
H82 EPE D . -1.68 32.08 23.83
HO8 EPE D . 0.52 30.81 24.76
H91 EPE D . -1.39 24.87 22.36
H92 EPE D . -1.54 25.30 24.05
H101 EPE D . 0.10 23.89 24.58
H102 EPE D . 1.23 24.79 23.58
NA NA E . -8.13 1.89 -26.92
#